data_9C6I
#
_entry.id   9C6I
#
_cell.length_a   1.00
_cell.length_b   1.00
_cell.length_c   1.00
_cell.angle_alpha   90.00
_cell.angle_beta   90.00
_cell.angle_gamma   90.00
#
_symmetry.space_group_name_H-M   'P 1'
#
loop_
_entity.id
_entity.type
_entity.pdbx_description
1 polymer 'Group IIC Intron'
2 non-polymer 'MAGNESIUM ION'
#
_entity_poly.entity_id   1
_entity_poly.type   'polyribonucleotide'
_entity_poly.pdbx_seq_one_letter_code
;GUUAUGUGUGCCCGGCAUGGGUGCAGUCUAUAGGGUGAGAGUCCCGAACUGUGAAGGCAGAAGUAACAGUUAGCCUAACG
CAAGGGUGUCCGUGGCGACAUGGAAUCUGAAGGAAGCGGACGGCAAACCUUCGGUCUGAGGAACACGAACUUCAUAUGAG
GCUAGGUAUCAAUGGAUGAGUUUGCAUAACAAAACAAAGUCCUUUCUGCCAAAGUUGGUACAGAGUAAAUGAAGCAGAUU
GAUGAAGGGAAAGACUGCAUUCUUACCCGGGGAGGUCUGGAAACAGAAGUCAGCAGAAGUCAUAGUACCCUGUUCGCAGG
GGAAGGACGGAACAAGUAUGGCGUUCGCGCCUAAGCUUGAACCACCGUAUACCGAACGGUACGUACGGUGGUGUGAGAGG
AGUUCGCUCUACUCUAU
;
_entity_poly.pdbx_strand_id   A
#
loop_
_chem_comp.id
_chem_comp.type
_chem_comp.name
_chem_comp.formula
A RNA linking ADENOSINE-5'-MONOPHOSPHATE 'C10 H14 N5 O7 P'
C RNA linking CYTIDINE-5'-MONOPHOSPHATE 'C9 H14 N3 O8 P'
G RNA linking GUANOSINE-5'-MONOPHOSPHATE 'C10 H14 N5 O8 P'
MG non-polymer 'MAGNESIUM ION' 'Mg 2'
U RNA linking URIDINE-5'-MONOPHOSPHATE 'C9 H13 N2 O9 P'
#
# COMPACT_ATOMS: atom_id res chain seq x y z
MG MG B . -5.27 14.70 0.78
MG MG C . 0.87 19.53 0.22
MG MG D . 4.00 -5.74 -21.13
MG MG E . 11.08 -18.00 -11.44
MG MG F . 12.15 -6.04 4.23
MG MG G . 13.72 27.82 24.50
MG MG H . 15.97 6.83 24.55
MG MG I . -7.37 11.80 25.95
MG MG J . -5.71 12.55 32.21
MG MG K . -2.81 10.26 17.40
MG MG L . -0.78 13.52 13.65
MG MG M . 6.75 -14.48 11.70
MG MG N . 5.81 -11.83 19.02
MG MG O . 23.68 -3.88 -14.03
MG MG P . -28.70 4.91 -6.95
MG MG Q . -21.18 10.09 -12.19
MG MG R . 7.11 -26.54 -30.65
MG MG S . -3.91 -14.37 -23.71
MG MG T . -12.89 -9.42 -29.26
MG MG U . -3.60 -24.14 -22.02
MG MG V . -8.92 2.43 -2.85
#